data_9QCD
#
_entry.id   9QCD
#
_cell.length_a   30.595
_cell.length_b   82.253
_cell.length_c   117.764
_cell.angle_alpha   90.000
_cell.angle_beta   90.000
_cell.angle_gamma   90.000
#
_symmetry.space_group_name_H-M   'P 21 21 21'
#
loop_
_entity.id
_entity.type
_entity.pdbx_description
1 polymer 'Tyrosine-protein phosphatase non-receptor type 11'
2 polymer 'GRB2-associated-binding protein 1'
#
loop_
_entity_poly.entity_id
_entity_poly.type
_entity_poly.pdbx_seq_one_letter_code
_entity_poly.pdbx_strand_id
1 'polypeptide(L)'
;SMTSRRWFHPNITGVEAENLLLTRGVDGSFLARPSKSNPGDFTLSVRRNGAVTHIKIQNTGDYYDLYGGEKFATLAELVQ
YYMEHHGQLKEKNGDVIELKYPLNCADPTSERWFHGHLSGKEAEKLLTEKGKHGSFLVRESQSHPGDFVLSVRTGDDKGE
SNDGKSKVTHVMIRCQELKYDVGGGERFDSLTDLVEHYKKNPMVETLGTVLQLKQPLNTTRIN
;
B
2 'polypeptide(L)' GPIKPKGDKQVE(PTR)LDLDLDSGKSTPPRKQKSSGSGSSVADERVD(PTR)VVVDQQKTLALKSTREAWTDGRQS C
#
# COMPACT_ATOMS: atom_id res chain seq x y z
N TRP A 7 0.13 -8.28 5.42
CA TRP A 7 0.31 -9.56 4.72
C TRP A 7 0.85 -9.34 3.33
N PHE A 8 0.56 -8.15 2.76
CA PHE A 8 0.98 -7.85 1.40
C PHE A 8 2.50 -7.78 1.32
N HIS A 9 3.08 -8.72 0.57
CA HIS A 9 4.49 -8.70 0.30
C HIS A 9 4.74 -8.01 -1.04
N PRO A 10 5.44 -6.91 -1.07
CA PRO A 10 5.60 -6.18 -2.32
C PRO A 10 6.39 -6.84 -3.43
N ASN A 11 7.55 -7.43 -3.13
CA ASN A 11 8.44 -7.94 -4.18
C ASN A 11 8.82 -9.39 -3.90
N ILE A 12 7.87 -10.30 -4.08
CA ILE A 12 8.12 -11.73 -3.92
C ILE A 12 7.44 -12.48 -5.06
N THR A 13 7.99 -13.65 -5.40
CA THR A 13 7.47 -14.52 -6.44
C THR A 13 6.55 -15.58 -5.83
N GLY A 14 5.85 -16.33 -6.71
CA GLY A 14 5.04 -17.43 -6.23
C GLY A 14 5.83 -18.42 -5.41
N VAL A 15 6.95 -18.92 -5.98
CA VAL A 15 7.80 -19.85 -5.25
C VAL A 15 8.31 -19.19 -3.97
N GLU A 16 8.65 -17.90 -4.05
CA GLU A 16 9.10 -17.18 -2.86
C GLU A 16 8.02 -17.15 -1.80
N ALA A 17 6.79 -16.80 -2.19
CA ALA A 17 5.67 -16.88 -1.27
C ALA A 17 5.55 -18.29 -0.69
N GLU A 18 5.53 -19.30 -1.56
CA GLU A 18 5.53 -20.69 -1.08
C GLU A 18 6.68 -20.92 -0.10
N ASN A 19 7.88 -20.45 -0.46
CA ASN A 19 9.03 -20.60 0.42
C ASN A 19 8.72 -20.03 1.80
N LEU A 20 8.20 -18.80 1.85
CA LEU A 20 7.86 -18.20 3.14
C LEU A 20 6.83 -19.03 3.88
N LEU A 21 5.70 -19.31 3.23
CA LEU A 21 4.64 -20.06 3.89
C LEU A 21 5.13 -21.39 4.43
N LEU A 22 6.09 -22.03 3.76
CA LEU A 22 6.57 -23.33 4.19
C LEU A 22 7.60 -23.24 5.30
N THR A 23 8.38 -22.15 5.34
CA THR A 23 9.38 -21.97 6.38
C THR A 23 8.80 -21.25 7.60
N ARG A 24 8.29 -20.03 7.40
CA ARG A 24 7.77 -19.22 8.49
C ARG A 24 6.32 -19.53 8.83
N GLY A 25 5.50 -19.87 7.84
CA GLY A 25 4.08 -19.97 8.05
C GLY A 25 3.64 -21.34 8.55
N VAL A 26 2.38 -21.39 8.99
CA VAL A 26 1.75 -22.62 9.45
C VAL A 26 0.56 -22.91 8.55
N ASP A 27 -0.14 -24.00 8.81
CA ASP A 27 -1.37 -24.28 8.08
C ASP A 27 -2.41 -23.22 8.42
N GLY A 28 -2.82 -22.46 7.42
CA GLY A 28 -3.71 -21.32 7.60
C GLY A 28 -3.06 -20.00 7.28
N SER A 29 -1.75 -19.97 7.10
CA SER A 29 -1.06 -18.74 6.77
C SER A 29 -1.34 -18.33 5.32
N PHE A 30 -1.13 -17.05 5.05
CA PHE A 30 -1.36 -16.53 3.71
C PHE A 30 -0.62 -15.21 3.55
N LEU A 31 -0.66 -14.68 2.32
CA LEU A 31 -0.09 -13.37 2.01
C LEU A 31 -0.64 -12.95 0.65
N ALA A 32 -0.45 -11.67 0.33
CA ALA A 32 -0.81 -11.10 -0.96
C ALA A 32 0.41 -10.51 -1.62
N ARG A 33 0.46 -10.62 -2.95
CA ARG A 33 1.62 -10.19 -3.71
C ARG A 33 1.19 -9.81 -5.11
N PRO A 34 2.02 -9.08 -5.85
CA PRO A 34 1.70 -8.79 -7.25
C PRO A 34 1.74 -10.05 -8.11
N SER A 35 0.99 -10.01 -9.20
CA SER A 35 0.93 -11.12 -10.14
C SER A 35 2.04 -11.01 -11.18
N LYS A 36 2.81 -12.08 -11.34
CA LYS A 36 3.88 -12.08 -12.34
C LYS A 36 3.35 -12.43 -13.73
N SER A 37 2.38 -13.33 -13.82
CA SER A 37 1.86 -13.76 -15.11
C SER A 37 0.93 -12.75 -15.75
N ASN A 38 0.32 -11.86 -14.97
CA ASN A 38 -0.58 -10.84 -15.48
C ASN A 38 -0.30 -9.54 -14.74
N PRO A 39 0.74 -8.81 -15.17
CA PRO A 39 1.06 -7.54 -14.50
C PRO A 39 -0.17 -6.66 -14.29
N GLY A 40 -0.32 -6.17 -13.07
CA GLY A 40 -1.49 -5.41 -12.70
C GLY A 40 -2.34 -6.12 -11.65
N ASP A 41 -2.59 -7.40 -11.89
CA ASP A 41 -3.36 -8.20 -10.96
C ASP A 41 -2.51 -8.54 -9.73
N PHE A 42 -3.14 -9.20 -8.76
CA PHE A 42 -2.48 -9.61 -7.53
C PHE A 42 -2.77 -11.08 -7.28
N THR A 43 -1.92 -11.70 -6.47
CA THR A 43 -2.03 -13.12 -6.17
C THR A 43 -2.13 -13.30 -4.66
N LEU A 44 -2.86 -14.33 -4.26
CA LEU A 44 -3.11 -14.66 -2.86
C LEU A 44 -2.58 -16.07 -2.62
N SER A 45 -1.41 -16.17 -2.03
CA SER A 45 -0.79 -17.46 -1.74
C SER A 45 -1.19 -17.91 -0.34
N VAL A 46 -1.75 -19.11 -0.24
CA VAL A 46 -2.26 -19.66 1.01
C VAL A 46 -1.55 -20.97 1.30
N ARG A 47 -1.45 -21.33 2.58
CA ARG A 47 -0.92 -22.62 3.00
C ARG A 47 -2.03 -23.45 3.63
N ARG A 48 -2.15 -24.71 3.19
CA ARG A 48 -3.15 -25.63 3.72
C ARG A 48 -2.60 -27.03 3.62
N ASN A 49 -2.69 -27.79 4.71
CA ASN A 49 -2.19 -29.17 4.75
C ASN A 49 -0.74 -29.25 4.30
N GLY A 50 0.08 -28.32 4.79
CA GLY A 50 1.50 -28.36 4.49
C GLY A 50 1.86 -28.13 3.04
N ALA A 51 0.92 -27.62 2.24
CA ALA A 51 1.18 -27.26 0.87
C ALA A 51 0.56 -25.89 0.60
N VAL A 52 0.91 -25.29 -0.53
CA VAL A 52 0.51 -23.93 -0.84
C VAL A 52 -0.48 -23.92 -1.99
N THR A 53 -1.33 -22.89 -2.00
CA THR A 53 -2.33 -22.70 -3.03
C THR A 53 -2.35 -21.23 -3.44
N HIS A 54 -1.99 -20.96 -4.69
CA HIS A 54 -2.04 -19.61 -5.23
C HIS A 54 -3.41 -19.33 -5.85
N ILE A 55 -3.82 -18.08 -5.78
CA ILE A 55 -5.16 -17.66 -6.21
C ILE A 55 -5.04 -16.36 -6.97
N LYS A 56 -5.72 -16.28 -8.11
CA LYS A 56 -5.68 -15.09 -8.96
C LYS A 56 -6.66 -14.05 -8.46
N ILE A 57 -6.15 -12.85 -8.18
CA ILE A 57 -6.97 -11.69 -7.82
C ILE A 57 -7.05 -10.79 -9.04
N GLN A 58 -8.28 -10.51 -9.48
CA GLN A 58 -8.50 -9.69 -10.67
C GLN A 58 -8.46 -8.22 -10.29
N ASN A 59 -7.73 -7.42 -11.08
CA ASN A 59 -7.69 -5.97 -10.91
C ASN A 59 -8.26 -5.34 -12.18
N THR A 60 -9.53 -4.96 -12.11
CA THR A 60 -10.16 -4.27 -13.23
C THR A 60 -9.76 -2.81 -13.31
N GLY A 61 -9.44 -2.22 -12.16
CA GLY A 61 -9.22 -0.78 -12.09
C GLY A 61 -10.38 -0.10 -11.40
N ASP A 62 -11.59 -0.58 -11.65
CA ASP A 62 -12.78 -0.11 -10.97
C ASP A 62 -13.13 -0.93 -9.73
N TYR A 63 -12.68 -2.18 -9.66
CA TYR A 63 -12.93 -3.02 -8.50
C TYR A 63 -11.97 -4.20 -8.53
N TYR A 64 -11.94 -4.93 -7.42
CA TYR A 64 -11.16 -6.15 -7.28
C TYR A 64 -12.08 -7.33 -7.01
N ASP A 65 -11.69 -8.50 -7.50
CA ASP A 65 -12.39 -9.73 -7.16
C ASP A 65 -11.53 -10.91 -7.59
N LEU A 66 -11.96 -12.10 -7.21
CA LEU A 66 -11.23 -13.33 -7.49
C LEU A 66 -11.74 -13.99 -8.76
N TYR A 67 -11.87 -13.20 -9.82
CA TYR A 67 -12.48 -13.65 -11.08
C TYR A 67 -13.82 -14.32 -10.80
N GLY A 68 -14.71 -13.56 -10.18
CA GLY A 68 -15.98 -14.06 -9.71
C GLY A 68 -16.23 -13.69 -8.27
N GLY A 69 -17.45 -13.99 -7.82
CA GLY A 69 -17.80 -13.74 -6.44
C GLY A 69 -18.01 -12.26 -6.16
N GLU A 70 -17.76 -11.87 -4.90
CA GLU A 70 -18.02 -10.51 -4.47
C GLU A 70 -16.97 -9.55 -5.02
N LYS A 71 -17.39 -8.29 -5.19
CA LYS A 71 -16.55 -7.24 -5.73
C LYS A 71 -16.16 -6.30 -4.59
N PHE A 72 -14.97 -5.71 -4.72
CA PHE A 72 -14.43 -4.83 -3.69
C PHE A 72 -13.72 -3.66 -4.33
N ALA A 73 -13.72 -2.54 -3.61
CA ALA A 73 -13.07 -1.33 -4.11
C ALA A 73 -11.56 -1.38 -3.95
N THR A 74 -11.08 -2.00 -2.88
CA THR A 74 -9.66 -2.03 -2.56
C THR A 74 -9.19 -3.46 -2.34
N LEU A 75 -7.89 -3.68 -2.57
CA LEU A 75 -7.32 -5.01 -2.35
C LEU A 75 -7.44 -5.43 -0.89
N ALA A 76 -7.26 -4.49 0.04
CA ALA A 76 -7.35 -4.84 1.46
C ALA A 76 -8.78 -5.15 1.87
N GLU A 77 -9.74 -4.38 1.36
CA GLU A 77 -11.15 -4.70 1.62
C GLU A 77 -11.49 -6.12 1.17
N LEU A 78 -10.87 -6.58 0.07
CA LEU A 78 -11.09 -7.94 -0.39
C LEU A 78 -10.49 -8.94 0.60
N VAL A 79 -9.20 -8.79 0.90
CA VAL A 79 -8.52 -9.77 1.73
C VAL A 79 -9.11 -9.82 3.14
N GLN A 80 -9.59 -8.68 3.65
CA GLN A 80 -10.24 -8.70 4.95
C GLN A 80 -11.54 -9.50 4.89
N TYR A 81 -12.34 -9.29 3.85
CA TYR A 81 -13.63 -9.97 3.75
C TYR A 81 -13.47 -11.49 3.85
N TYR A 82 -12.48 -12.04 3.13
CA TYR A 82 -12.28 -13.49 3.14
C TYR A 82 -11.57 -13.99 4.39
N MET A 83 -10.96 -13.10 5.17
CA MET A 83 -10.48 -13.48 6.50
C MET A 83 -11.65 -13.63 7.47
N GLU A 84 -12.66 -12.76 7.35
CA GLU A 84 -13.80 -12.82 8.23
C GLU A 84 -14.80 -13.88 7.82
N HIS A 85 -14.84 -14.23 6.54
CA HIS A 85 -15.76 -15.25 6.00
C HIS A 85 -14.91 -16.38 5.45
N HIS A 86 -14.76 -17.46 6.25
CA HIS A 86 -13.83 -18.52 5.91
C HIS A 86 -14.42 -19.55 4.95
N GLY A 87 -15.74 -19.58 4.79
CA GLY A 87 -16.37 -20.62 3.99
C GLY A 87 -16.71 -20.20 2.57
N GLN A 88 -16.54 -18.92 2.25
CA GLN A 88 -16.90 -18.44 0.92
C GLN A 88 -15.89 -18.87 -0.14
N LEU A 89 -14.62 -19.02 0.23
CA LEU A 89 -13.56 -19.29 -0.73
C LEU A 89 -13.42 -20.79 -0.93
N LYS A 90 -14.20 -21.33 -1.86
CA LYS A 90 -14.18 -22.75 -2.19
C LYS A 90 -13.73 -22.96 -3.63
N GLU A 91 -13.10 -24.09 -3.88
CA GLU A 91 -12.78 -24.51 -5.24
C GLU A 91 -13.78 -25.57 -5.69
N LYS A 92 -13.77 -25.84 -7.00
CA LYS A 92 -14.74 -26.79 -7.55
C LYS A 92 -14.69 -28.12 -6.81
N ASN A 93 -13.52 -28.50 -6.30
CA ASN A 93 -13.41 -29.75 -5.54
C ASN A 93 -14.29 -29.74 -4.31
N GLY A 94 -14.52 -28.57 -3.72
CA GLY A 94 -15.27 -28.42 -2.50
C GLY A 94 -14.42 -28.07 -1.29
N ASP A 95 -13.14 -28.44 -1.32
CA ASP A 95 -12.24 -28.12 -0.22
C ASP A 95 -12.15 -26.61 -0.03
N VAL A 96 -12.21 -26.18 1.23
CA VAL A 96 -12.21 -24.75 1.56
C VAL A 96 -10.78 -24.26 1.70
N ILE A 97 -10.55 -23.02 1.27
CA ILE A 97 -9.29 -22.32 1.51
C ILE A 97 -9.57 -21.22 2.53
N GLU A 98 -8.93 -21.33 3.70
CA GLU A 98 -9.17 -20.41 4.81
C GLU A 98 -7.99 -19.46 4.96
N LEU A 99 -8.24 -18.16 4.76
CA LEU A 99 -7.24 -17.13 5.01
C LEU A 99 -7.28 -16.80 6.49
N LYS A 100 -6.25 -17.23 7.23
CA LYS A 100 -6.27 -17.18 8.69
C LYS A 100 -5.09 -16.40 9.27
N TYR A 101 -3.85 -16.86 9.09
CA TYR A 101 -2.70 -16.20 9.71
C TYR A 101 -2.00 -15.33 8.69
N PRO A 102 -2.00 -14.00 8.83
CA PRO A 102 -1.29 -13.15 7.86
C PRO A 102 0.21 -13.15 8.12
N LEU A 103 0.98 -13.49 7.09
CA LEU A 103 2.43 -13.45 7.16
C LEU A 103 2.92 -12.06 6.77
N ASN A 104 3.63 -11.40 7.68
CA ASN A 104 3.99 -10.00 7.52
C ASN A 104 5.43 -9.86 7.05
N CYS A 105 5.63 -8.96 6.09
CA CYS A 105 6.95 -8.66 5.53
C CYS A 105 7.62 -7.54 6.33
N ALA A 106 8.87 -7.26 5.98
CA ALA A 106 9.58 -6.16 6.62
C ALA A 106 8.91 -4.84 6.30
N ASP A 107 9.04 -3.88 7.21
CA ASP A 107 8.50 -2.56 6.96
C ASP A 107 9.47 -1.74 6.10
N PRO A 108 8.96 -0.78 5.34
CA PRO A 108 9.85 0.07 4.55
C PRO A 108 10.87 0.80 5.42
N THR A 109 10.38 1.59 6.37
CA THR A 109 11.22 2.44 7.21
C THR A 109 10.74 2.35 8.65
N SER A 110 11.70 2.22 9.57
CA SER A 110 11.38 2.16 10.98
C SER A 110 11.15 3.54 11.60
N GLU A 111 11.41 4.62 10.87
CA GLU A 111 11.11 5.95 11.37
C GLU A 111 9.66 6.01 11.84
N ARG A 112 9.43 6.72 12.94
CA ARG A 112 8.10 6.79 13.53
C ARG A 112 7.17 7.72 12.77
N TRP A 113 7.63 8.38 11.71
CA TRP A 113 6.71 9.10 10.84
C TRP A 113 6.07 8.18 9.80
N PHE A 114 6.37 6.89 9.85
CA PHE A 114 5.72 5.90 8.99
C PHE A 114 4.62 5.21 9.80
N HIS A 115 3.40 5.24 9.28
CA HIS A 115 2.24 4.67 9.96
C HIS A 115 1.71 3.43 9.29
N GLY A 116 2.45 2.87 8.33
CA GLY A 116 2.02 1.66 7.67
C GLY A 116 0.62 1.78 7.13
N HIS A 117 -0.21 0.78 7.44
CA HIS A 117 -1.61 0.80 7.01
C HIS A 117 -2.34 1.95 7.70
N LEU A 118 -2.85 2.88 6.90
CA LEU A 118 -3.57 4.03 7.44
C LEU A 118 -4.31 4.67 6.28
N SER A 119 -5.63 4.84 6.42
CA SER A 119 -6.41 5.42 5.36
C SER A 119 -6.22 6.94 5.32
N GLY A 120 -6.50 7.53 4.16
CA GLY A 120 -6.40 8.97 4.03
C GLY A 120 -7.38 9.68 4.95
N LYS A 121 -8.56 9.10 5.14
CA LYS A 121 -9.52 9.67 6.09
C LYS A 121 -8.98 9.61 7.51
N GLU A 122 -8.31 8.51 7.86
CA GLU A 122 -7.74 8.38 9.20
C GLU A 122 -6.47 9.18 9.36
N ALA A 123 -5.68 9.34 8.29
CA ALA A 123 -4.54 10.24 8.35
C ALA A 123 -4.98 11.70 8.41
N GLU A 124 -6.15 12.01 7.84
CA GLU A 124 -6.71 13.35 7.95
C GLU A 124 -7.15 13.63 9.38
N LYS A 125 -7.95 12.72 9.95
CA LYS A 125 -8.39 12.88 11.34
C LYS A 125 -7.19 13.04 12.27
N LEU A 126 -6.14 12.25 12.05
CA LEU A 126 -4.93 12.32 12.87
C LEU A 126 -4.33 13.72 12.86
N LEU A 127 -4.14 14.30 11.67
CA LEU A 127 -3.46 15.58 11.59
C LEU A 127 -4.36 16.73 12.04
N THR A 128 -5.67 16.62 11.85
CA THR A 128 -6.59 17.69 12.23
C THR A 128 -7.05 17.59 13.69
N GLU A 129 -6.37 16.78 14.50
CA GLU A 129 -6.68 16.64 15.91
C GLU A 129 -5.45 16.77 16.79
N LYS A 130 -4.29 16.30 16.31
CA LYS A 130 -3.05 16.38 17.09
C LYS A 130 -1.89 16.83 16.19
N GLY A 131 -2.19 17.63 15.17
CA GLY A 131 -1.20 18.08 14.22
C GLY A 131 -1.15 19.60 14.13
N LYS A 132 -0.23 20.08 13.30
CA LYS A 132 -0.03 21.51 13.10
C LYS A 132 0.47 21.74 11.68
N HIS A 133 0.64 23.01 11.32
CA HIS A 133 1.22 23.33 10.02
C HIS A 133 2.59 22.66 9.87
N GLY A 134 2.77 21.96 8.76
CA GLY A 134 3.99 21.21 8.53
C GLY A 134 4.02 19.84 9.17
N SER A 135 2.94 19.43 9.84
CA SER A 135 2.87 18.10 10.40
C SER A 135 2.61 17.10 9.28
N PHE A 136 3.46 16.06 9.21
CA PHE A 136 3.42 15.13 8.09
C PHE A 136 3.56 13.70 8.60
N LEU A 137 3.19 12.76 7.74
CA LEU A 137 3.41 11.35 7.98
C LEU A 137 3.47 10.65 6.64
N VAL A 138 3.95 9.40 6.67
CA VAL A 138 4.02 8.55 5.48
C VAL A 138 3.19 7.30 5.75
N ARG A 139 2.37 6.91 4.78
CA ARG A 139 1.45 5.80 4.96
C ARG A 139 1.35 4.99 3.69
N GLU A 140 0.83 3.77 3.84
CA GLU A 140 0.65 2.87 2.70
C GLU A 140 -0.50 3.35 1.82
N SER A 141 -0.27 3.40 0.52
CA SER A 141 -1.30 3.81 -0.43
C SER A 141 -2.30 2.67 -0.61
N GLN A 142 -3.55 2.91 -0.22
CA GLN A 142 -4.57 1.88 -0.34
C GLN A 142 -5.05 1.73 -1.78
N SER A 143 -5.15 2.85 -2.51
CA SER A 143 -5.63 2.79 -3.88
C SER A 143 -4.59 2.24 -4.84
N HIS A 144 -3.32 2.23 -4.44
CA HIS A 144 -2.24 1.68 -5.28
C HIS A 144 -1.33 0.84 -4.40
N PRO A 145 -1.65 -0.44 -4.23
CA PRO A 145 -0.82 -1.29 -3.37
C PRO A 145 0.63 -1.31 -3.84
N GLY A 146 1.54 -1.22 -2.87
CA GLY A 146 2.96 -1.13 -3.12
C GLY A 146 3.50 0.28 -3.02
N ASP A 147 2.70 1.28 -3.39
CA ASP A 147 3.09 2.67 -3.30
C ASP A 147 2.77 3.21 -1.91
N PHE A 148 3.18 4.45 -1.66
CA PHE A 148 3.02 5.09 -0.37
C PHE A 148 2.48 6.50 -0.57
N VAL A 149 2.23 7.19 0.55
CA VAL A 149 1.59 8.49 0.56
C VAL A 149 2.28 9.38 1.58
N LEU A 150 2.48 10.64 1.21
CA LEU A 150 3.02 11.66 2.12
C LEU A 150 1.90 12.66 2.41
N SER A 151 1.18 12.41 3.50
CA SER A 151 0.12 13.31 3.94
C SER A 151 0.72 14.44 4.78
N VAL A 152 0.33 15.68 4.47
CA VAL A 152 0.92 16.87 5.08
C VAL A 152 -0.19 17.86 5.37
N ARG A 153 -0.18 18.41 6.59
CA ARG A 153 -1.14 19.44 6.98
C ARG A 153 -0.65 20.80 6.50
N THR A 154 -1.44 21.44 5.65
CA THR A 154 -1.08 22.75 5.08
C THR A 154 -2.24 23.73 5.22
N LYS A 165 -10.62 24.13 10.61
CA LYS A 165 -9.86 24.82 9.59
C LYS A 165 -8.53 24.12 9.37
N SER A 166 -8.56 22.94 8.77
CA SER A 166 -7.33 22.19 8.51
C SER A 166 -7.58 21.23 7.38
N LYS A 167 -6.74 21.28 6.35
CA LYS A 167 -6.79 20.31 5.27
C LYS A 167 -5.39 19.78 5.04
N VAL A 168 -5.28 18.48 4.79
CA VAL A 168 -3.97 17.88 4.52
C VAL A 168 -3.87 17.59 3.03
N THR A 169 -2.63 17.62 2.52
CA THR A 169 -2.33 17.43 1.11
C THR A 169 -1.61 16.10 0.94
N HIS A 170 -2.30 15.13 0.34
CA HIS A 170 -1.73 13.81 0.13
C HIS A 170 -0.99 13.76 -1.19
N VAL A 171 0.19 13.15 -1.17
CA VAL A 171 1.05 13.03 -2.34
C VAL A 171 1.46 11.58 -2.51
N MET A 172 1.30 11.04 -3.71
CA MET A 172 1.63 9.66 -3.99
C MET A 172 3.14 9.50 -4.12
N ILE A 173 3.65 8.39 -3.59
CA ILE A 173 5.06 8.01 -3.73
C ILE A 173 5.09 6.72 -4.54
N ARG A 174 5.76 6.76 -5.69
CA ARG A 174 5.83 5.61 -6.58
C ARG A 174 6.98 4.70 -6.18
N CYS A 175 6.69 3.42 -5.96
CA CYS A 175 7.68 2.42 -5.61
C CYS A 175 7.83 1.48 -6.81
N GLN A 176 8.96 1.60 -7.50
CA GLN A 176 9.24 0.78 -8.69
C GLN A 176 10.71 0.40 -8.67
N GLU A 177 10.99 -0.88 -8.90
CA GLU A 177 12.36 -1.39 -8.92
C GLU A 177 13.04 -1.19 -7.56
N LEU A 178 12.27 -1.26 -6.49
CA LEU A 178 12.76 -1.03 -5.13
C LEU A 178 13.37 0.36 -4.98
N LYS A 179 12.89 1.32 -5.79
CA LYS A 179 13.32 2.71 -5.74
C LYS A 179 12.11 3.59 -5.48
N TYR A 180 12.37 4.82 -5.04
CA TYR A 180 11.32 5.73 -4.63
C TYR A 180 11.48 7.07 -5.33
N ASP A 181 10.37 7.59 -5.86
CA ASP A 181 10.36 8.93 -6.43
C ASP A 181 8.99 9.56 -6.20
N VAL A 182 8.99 10.87 -5.99
CA VAL A 182 7.75 11.63 -5.85
C VAL A 182 7.59 12.43 -7.14
N GLY A 183 6.55 12.13 -7.91
CA GLY A 183 6.39 12.80 -9.19
C GLY A 183 7.63 12.73 -10.06
N GLY A 184 8.34 11.61 -10.02
CA GLY A 184 9.52 11.41 -10.83
C GLY A 184 10.54 12.53 -10.73
N GLY A 185 10.60 13.17 -9.56
CA GLY A 185 11.53 14.26 -9.36
C GLY A 185 12.97 13.80 -9.28
N GLU A 186 13.26 12.90 -8.34
CA GLU A 186 14.59 12.35 -8.17
C GLU A 186 14.48 10.91 -7.69
N ARG A 187 15.59 10.19 -7.78
CA ARG A 187 15.68 8.81 -7.34
C ARG A 187 16.27 8.77 -5.93
N PHE A 188 15.69 7.94 -5.08
CA PHE A 188 16.21 7.71 -3.74
C PHE A 188 16.18 6.22 -3.46
N ASP A 189 17.14 5.77 -2.64
CA ASP A 189 17.29 4.36 -2.35
C ASP A 189 16.35 3.85 -1.26
N SER A 190 15.73 4.75 -0.49
CA SER A 190 14.87 4.35 0.62
C SER A 190 13.84 5.46 0.86
N LEU A 191 12.81 5.12 1.63
CA LEU A 191 11.80 6.12 1.99
C LEU A 191 12.43 7.24 2.81
N THR A 192 13.40 6.92 3.66
CA THR A 192 14.05 7.95 4.48
C THR A 192 14.75 8.97 3.58
N ASP A 193 15.64 8.51 2.71
CA ASP A 193 16.38 9.44 1.85
C ASP A 193 15.42 10.36 1.10
N LEU A 194 14.27 9.83 0.69
CA LEU A 194 13.28 10.65 -0.01
C LEU A 194 12.65 11.68 0.93
N VAL A 195 12.31 11.27 2.16
CA VAL A 195 11.75 12.20 3.13
C VAL A 195 12.81 13.17 3.65
N GLU A 196 14.09 12.80 3.56
CA GLU A 196 15.13 13.73 3.96
C GLU A 196 15.31 14.83 2.92
N HIS A 197 15.13 14.50 1.65
CA HIS A 197 15.36 15.48 0.59
C HIS A 197 14.28 16.54 0.56
N TYR A 198 13.02 16.13 0.68
CA TYR A 198 11.92 17.08 0.57
C TYR A 198 11.65 17.86 1.85
N LYS A 199 12.26 17.46 2.98
CA LYS A 199 12.32 18.34 4.12
C LYS A 199 13.26 19.52 3.85
N LYS A 200 14.31 19.28 3.06
CA LYS A 200 15.25 20.32 2.67
C LYS A 200 14.82 21.05 1.40
N ASN A 201 14.15 20.36 0.48
CA ASN A 201 13.64 20.94 -0.76
C ASN A 201 12.13 20.67 -0.83
N PRO A 202 11.32 21.50 -0.19
CA PRO A 202 9.88 21.24 -0.18
C PRO A 202 9.31 21.18 -1.59
N MET A 203 8.26 20.37 -1.74
CA MET A 203 7.55 20.25 -3.01
C MET A 203 6.41 21.28 -3.07
N VAL A 204 5.86 21.44 -4.27
CA VAL A 204 4.81 22.42 -4.52
C VAL A 204 3.71 21.77 -5.34
N GLU A 205 2.46 21.90 -4.90
CA GLU A 205 1.33 21.27 -5.56
C GLU A 205 0.92 22.08 -6.78
N THR A 206 -0.12 21.61 -7.48
CA THR A 206 -0.54 22.27 -8.73
C THR A 206 -1.15 23.63 -8.45
N LEU A 207 -2.07 23.69 -7.48
CA LEU A 207 -2.62 24.98 -7.07
C LEU A 207 -1.51 25.97 -6.72
N GLY A 208 -0.42 25.47 -6.12
CA GLY A 208 0.74 26.29 -5.85
C GLY A 208 1.19 26.27 -4.41
N THR A 209 0.53 25.48 -3.56
CA THR A 209 0.89 25.44 -2.16
C THR A 209 2.22 24.72 -1.98
N VAL A 210 3.13 25.33 -1.22
CA VAL A 210 4.41 24.70 -0.92
C VAL A 210 4.22 23.76 0.26
N LEU A 211 4.71 22.52 0.10
CA LEU A 211 4.54 21.47 1.10
C LEU A 211 5.82 21.40 1.94
N GLN A 212 5.88 22.22 2.99
CA GLN A 212 7.01 22.23 3.91
C GLN A 212 6.77 21.17 4.98
N LEU A 213 7.73 20.25 5.12
CA LEU A 213 7.66 19.20 6.13
C LEU A 213 8.40 19.71 7.37
N LYS A 214 7.65 20.32 8.27
CA LYS A 214 8.25 20.98 9.43
C LYS A 214 8.58 19.97 10.54
N GLN A 215 7.57 19.25 11.03
CA GLN A 215 7.77 18.26 12.08
C GLN A 215 6.91 17.03 11.79
N PRO A 216 7.40 15.84 12.13
CA PRO A 216 6.60 14.63 11.89
C PRO A 216 5.56 14.39 12.98
N LEU A 217 4.46 13.78 12.57
CA LEU A 217 3.44 13.31 13.51
C LEU A 217 3.74 11.83 13.75
N ASN A 218 4.60 11.57 14.72
CA ASN A 218 5.11 10.23 14.95
C ASN A 218 4.00 9.29 15.41
N THR A 219 4.28 8.00 15.37
CA THR A 219 3.33 7.00 15.82
C THR A 219 3.26 6.97 17.34
N THR A 220 2.21 6.33 17.86
CA THR A 220 1.94 6.32 19.29
C THR A 220 2.61 5.14 19.98
N ARG A 221 2.20 3.92 19.65
CA ARG A 221 2.73 2.70 20.26
C ARG A 221 3.68 2.04 19.26
N ILE A 222 4.97 2.29 19.44
CA ILE A 222 5.99 1.80 18.50
C ILE A 222 5.90 0.28 18.36
N GLN B 10 5.21 -25.16 -12.71
CA GLN B 10 4.76 -23.77 -12.72
C GLN B 10 4.05 -23.40 -11.41
N VAL B 11 3.32 -22.28 -11.43
CA VAL B 11 2.51 -21.89 -10.29
C VAL B 11 1.17 -22.62 -10.36
N GLU B 12 0.52 -22.77 -9.21
CA GLU B 12 -0.70 -23.57 -9.11
C GLU B 12 -1.95 -22.72 -8.94
N PTR B 13 -2.31 -21.99 -9.98
CA PTR B 13 -3.48 -21.05 -9.85
C PTR B 13 -4.75 -21.88 -9.74
O PTR B 13 -5.23 -22.48 -10.72
CB PTR B 13 -3.42 -20.03 -10.98
CG PTR B 13 -2.32 -19.01 -10.74
CD1 PTR B 13 -1.09 -19.10 -11.37
CD2 PTR B 13 -2.51 -18.00 -9.82
CE1 PTR B 13 -0.08 -18.19 -11.12
CE2 PTR B 13 -1.52 -17.06 -9.55
CZ PTR B 13 -0.31 -17.18 -10.20
OH PTR B 13 0.65 -16.21 -9.90
P PTR B 13 1.31 -15.21 -10.95
O1P PTR B 13 1.65 -16.00 -12.19
O2P PTR B 13 0.34 -14.10 -11.27
O3P PTR B 13 2.56 -14.67 -10.32
HA PTR B 13 -3.44 -20.52 -9.01
HB2 PTR B 13 -4.28 -19.56 -11.03
HB3 PTR B 13 -3.26 -20.48 -11.82
HD1 PTR B 13 -0.93 -19.82 -11.96
HD2 PTR B 13 -3.33 -17.93 -9.35
HE1 PTR B 13 0.74 -18.24 -11.59
HE2 PTR B 13 -1.68 -16.37 -8.93
N LEU B 14 -5.24 -21.94 -8.50
CA LEU B 14 -6.40 -22.72 -8.14
C LEU B 14 -7.64 -22.29 -8.91
N ASP B 15 -8.38 -23.27 -9.42
CA ASP B 15 -9.59 -23.01 -10.20
C ASP B 15 -10.77 -23.01 -9.23
N LEU B 16 -11.16 -21.83 -8.79
CA LEU B 16 -12.09 -21.70 -7.68
C LEU B 16 -13.53 -21.79 -8.15
N ASP B 17 -14.41 -22.15 -7.22
CA ASP B 17 -15.84 -22.18 -7.45
C ASP B 17 -16.46 -21.08 -6.60
N LEU B 18 -16.67 -19.93 -7.22
CA LEU B 18 -17.24 -18.76 -6.58
C LEU B 18 -18.65 -18.53 -7.15
N ASP B 19 -19.29 -17.45 -6.72
CA ASP B 19 -20.65 -17.10 -7.19
C ASP B 19 -21.63 -18.22 -6.83
N SER B 20 -21.81 -18.41 -5.54
CA SER B 20 -22.75 -19.40 -5.02
C SER B 20 -24.05 -18.74 -4.58
N ALA B 39 -22.70 8.94 -0.76
CA ALA B 39 -22.53 8.51 0.63
C ALA B 39 -21.05 8.43 0.97
N ASP B 40 -20.26 7.84 0.07
CA ASP B 40 -18.84 7.66 0.32
C ASP B 40 -18.09 8.97 0.17
N GLU B 41 -17.01 9.11 0.94
CA GLU B 41 -16.19 10.32 0.92
C GLU B 41 -14.75 9.90 1.22
N ARG B 42 -13.93 9.83 0.18
CA ARG B 42 -12.50 9.52 0.33
C ARG B 42 -11.70 10.80 0.09
N VAL B 43 -10.38 10.65 0.11
CA VAL B 43 -9.47 11.77 -0.03
C VAL B 43 -8.99 11.87 -1.47
N ASP B 44 -8.57 13.06 -1.85
CA ASP B 44 -8.07 13.31 -3.21
C ASP B 44 -6.57 13.60 -3.16
N PTR B 45 -5.83 12.95 -4.06
CA PTR B 45 -4.35 13.13 -4.11
C PTR B 45 -4.01 14.35 -4.98
O PTR B 45 -4.93 14.94 -5.57
CB PTR B 45 -3.68 11.86 -4.65
CG PTR B 45 -3.74 10.69 -3.71
CD1 PTR B 45 -2.79 10.52 -2.71
CD2 PTR B 45 -4.74 9.73 -3.82
CE1 PTR B 45 -2.83 9.45 -1.84
CE2 PTR B 45 -4.80 8.65 -2.95
CZ PTR B 45 -3.83 8.51 -1.98
OH PTR B 45 -3.84 7.46 -1.07
P PTR B 45 -4.65 6.10 -1.24
O1P PTR B 45 -4.54 5.31 0.04
O2P PTR B 45 -4.02 5.35 -2.38
O3P PTR B 45 -6.09 6.42 -1.54
HA PTR B 45 -4.02 13.30 -3.20
HB2 PTR B 45 -2.74 12.07 -4.84
HB3 PTR B 45 -4.10 11.62 -5.49
HD1 PTR B 45 -2.09 11.16 -2.64
HD2 PTR B 45 -5.39 9.83 -4.49
HE1 PTR B 45 -2.18 9.37 -1.16
HE2 PTR B 45 -5.50 8.01 -3.04
N VAL B 46 -2.74 14.72 -5.02
CA VAL B 46 -2.27 15.85 -5.80
C VAL B 46 -1.06 15.40 -6.61
N VAL B 47 -0.49 16.31 -7.40
CA VAL B 47 0.72 16.05 -8.16
C VAL B 47 1.69 17.19 -7.95
N VAL B 48 2.97 16.87 -7.89
CA VAL B 48 4.02 17.85 -7.68
C VAL B 48 4.42 18.44 -9.03
N ASP B 49 4.66 19.74 -9.05
CA ASP B 49 5.09 20.45 -10.25
C ASP B 49 6.61 20.56 -10.22
N GLN B 50 7.29 19.81 -11.10
CA GLN B 50 8.75 19.86 -11.15
C GLN B 50 9.25 21.28 -11.36
N GLN B 51 8.50 22.09 -12.12
CA GLN B 51 8.92 23.46 -12.38
C GLN B 51 8.83 24.31 -11.12
N LYS B 52 7.69 24.26 -10.43
CA LYS B 52 7.54 25.02 -9.19
C LYS B 52 8.64 24.68 -8.20
N THR B 53 9.05 23.41 -8.14
CA THR B 53 9.98 22.98 -7.13
C THR B 53 11.42 23.22 -7.54
N LEU B 54 11.75 22.94 -8.80
CA LEU B 54 13.12 23.13 -9.26
C LEU B 54 13.54 24.60 -9.18
N ALA B 55 12.60 25.53 -9.32
CA ALA B 55 12.91 26.95 -9.17
C ALA B 55 12.93 27.34 -7.70
N LEU B 56 11.99 26.81 -6.90
CA LEU B 56 11.99 27.09 -5.46
C LEU B 56 13.30 26.66 -4.83
N LYS B 57 13.80 25.47 -5.20
CA LYS B 57 15.10 25.04 -4.72
C LYS B 57 16.21 25.96 -5.22
N SER B 58 16.19 26.26 -6.53
CA SER B 58 17.18 27.19 -7.08
C SER B 58 17.13 28.56 -6.42
N THR B 59 15.97 28.93 -5.86
CA THR B 59 15.87 30.18 -5.12
C THR B 59 16.57 30.08 -3.77
N ARG B 60 16.53 28.90 -3.15
CA ARG B 60 17.15 28.73 -1.84
C ARG B 60 18.67 28.90 -1.94
N GLU B 61 19.32 28.04 -2.73
CA GLU B 61 20.77 28.12 -2.88
C GLU B 61 21.21 29.54 -3.24
N ALA B 62 20.36 30.29 -3.94
CA ALA B 62 20.67 31.67 -4.30
C ALA B 62 20.39 32.61 -3.15
#